data_5IGI
#
_entry.id   5IGI
#
_cell.length_a   45.310
_cell.length_b   45.310
_cell.length_c   247.420
_cell.angle_alpha   90.000
_cell.angle_beta   90.000
_cell.angle_gamma   120.000
#
_symmetry.space_group_name_H-M   'P 32 2 1'
#
loop_
_entity.id
_entity.type
_entity.pdbx_description
1 polymer "Macrolide 2'-phosphotransferase"
2 non-polymer GUANOSINE
3 non-polymer AZITHROMYCIN
4 non-polymer 'ISOPROPYL ALCOHOL'
5 water water
#
_entity_poly.entity_id   1
_entity_poly.type   'polypeptide(L)'
_entity_poly.pdbx_seq_one_letter_code
;MTVVTTADTSQLYALAARHGLKLHGPLTVNELGLDYRIVIATVDDGRRWVLRIPRRAEVSAKVEPEARVLAMLKNRLPFA
VPDWRVANAELVAYPMLEDSTAMVIQPGSSTPDWVVPQDSEVFAESFATALAALHAVPISAAVDAGMLIRTPTQARQKVA
DDVDRVRREFVVNDKRLHRWQRWLDDDSSWPDFSVVVHGDLYVGHVLIDNTERVSGMIDWSEARVDDPAIDMAAHLMVFG
EEGLAKLLLTYEAAGGRVWPRLAHHIAERLAFGAVTYALFALDSGNEEYLAAAKAQLAAAE
;
_entity_poly.pdbx_strand_id   A
#
loop_
_chem_comp.id
_chem_comp.type
_chem_comp.name
_chem_comp.formula
GMP non-polymer GUANOSINE 'C10 H13 N5 O5'
IPA non-polymer 'ISOPROPYL ALCOHOL' 'C3 H8 O'
ZIT non-polymer AZITHROMYCIN 'C38 H72 N2 O12'
#
# COMPACT_ATOMS: atom_id res chain seq x y z
N THR A 2 -4.08 -38.12 -10.95
CA THR A 2 -2.89 -37.29 -10.86
C THR A 2 -2.97 -36.13 -11.84
N VAL A 3 -3.15 -34.92 -11.29
CA VAL A 3 -3.20 -33.69 -12.08
C VAL A 3 -2.25 -32.65 -11.47
N VAL A 4 -1.31 -32.16 -12.26
CA VAL A 4 -0.36 -31.15 -11.78
C VAL A 4 -1.10 -29.87 -11.45
N THR A 5 -0.81 -29.32 -10.28
CA THR A 5 -1.42 -28.10 -9.82
C THR A 5 -0.31 -27.17 -9.35
N THR A 6 -0.57 -25.88 -9.40
CA THR A 6 0.46 -24.91 -9.02
C THR A 6 0.77 -24.97 -7.53
N ALA A 7 -0.26 -25.12 -6.70
CA ALA A 7 -0.06 -25.10 -5.24
C ALA A 7 0.45 -26.43 -4.73
N ASP A 8 1.34 -26.36 -3.75
CA ASP A 8 1.85 -27.53 -3.08
C ASP A 8 1.00 -27.77 -1.84
N THR A 9 -0.09 -28.50 -2.00
CA THR A 9 -1.06 -28.64 -0.93
C THR A 9 -0.48 -29.27 0.34
N SER A 10 0.40 -30.25 0.18
N SER A 10 0.40 -30.26 0.18
CA SER A 10 0.97 -30.95 1.34
CA SER A 10 0.98 -30.95 1.32
C SER A 10 1.90 -30.06 2.16
C SER A 10 1.85 -30.01 2.15
N GLN A 11 2.68 -29.22 1.48
CA GLN A 11 3.58 -28.32 2.18
C GLN A 11 2.78 -27.18 2.82
N LEU A 12 1.76 -26.68 2.13
CA LEU A 12 0.91 -25.64 2.68
C LEU A 12 0.14 -26.16 3.90
N TYR A 13 -0.38 -27.38 3.82
CA TYR A 13 -1.11 -27.95 4.93
C TYR A 13 -0.22 -28.02 6.16
N ALA A 14 0.99 -28.54 5.97
CA ALA A 14 1.93 -28.69 7.08
C ALA A 14 2.30 -27.33 7.69
N LEU A 15 2.56 -26.36 6.84
CA LEU A 15 2.89 -25.03 7.31
C LEU A 15 1.75 -24.43 8.14
N ALA A 16 0.53 -24.48 7.61
CA ALA A 16 -0.61 -23.93 8.34
C ALA A 16 -0.86 -24.68 9.65
N ALA A 17 -0.74 -26.01 9.63
CA ALA A 17 -1.02 -26.81 10.81
C ALA A 17 -0.04 -26.52 11.95
N ARG A 18 1.18 -26.12 11.63
CA ARG A 18 2.14 -25.72 12.65
C ARG A 18 1.67 -24.49 13.41
N HIS A 19 0.66 -23.80 12.88
CA HIS A 19 0.16 -22.57 13.49
C HIS A 19 -1.34 -22.58 13.74
N GLY A 20 -1.86 -23.79 13.93
CA GLY A 20 -3.22 -23.93 14.42
C GLY A 20 -4.31 -23.88 13.37
N LEU A 21 -3.93 -23.85 12.09
CA LEU A 21 -4.90 -23.80 11.00
C LEU A 21 -4.93 -25.11 10.25
N LYS A 22 -6.13 -25.65 10.09
CA LYS A 22 -6.29 -26.88 9.38
C LYS A 22 -6.88 -26.59 7.99
N LEU A 23 -6.06 -26.66 6.95
CA LEU A 23 -6.58 -26.40 5.60
C LEU A 23 -7.47 -27.51 5.12
N HIS A 24 -8.56 -27.15 4.47
CA HIS A 24 -9.53 -28.11 3.99
C HIS A 24 -10.45 -27.39 3.02
N GLY A 25 -10.40 -27.79 1.76
CA GLY A 25 -11.20 -27.17 0.71
C GLY A 25 -10.38 -26.37 -0.29
N PRO A 26 -11.06 -25.59 -1.15
CA PRO A 26 -10.45 -24.89 -2.28
C PRO A 26 -9.33 -23.93 -1.90
N LEU A 27 -8.26 -23.82 -2.71
N LEU A 27 -8.37 -23.80 -2.81
CA LEU A 27 -7.28 -22.75 -2.51
CA LEU A 27 -7.18 -22.98 -2.63
C LEU A 27 -6.69 -22.13 -3.80
C LEU A 27 -6.89 -22.13 -3.88
N THR A 28 -6.13 -20.93 -3.65
N THR A 28 -6.15 -21.04 -3.71
CA THR A 28 -5.74 -20.05 -4.75
CA THR A 28 -5.67 -20.22 -4.84
C THR A 28 -4.34 -19.48 -4.47
C THR A 28 -4.35 -19.56 -4.48
N VAL A 29 -3.47 -19.37 -5.47
CA VAL A 29 -2.04 -19.12 -5.20
C VAL A 29 -1.38 -18.06 -6.05
N ASN A 30 -0.86 -17.02 -5.42
CA ASN A 30 -0.19 -15.95 -6.15
C ASN A 30 1.27 -15.87 -5.75
N GLU A 31 2.14 -16.18 -6.71
CA GLU A 31 3.56 -16.12 -6.49
C GLU A 31 4.19 -14.99 -7.30
N LEU A 32 3.38 -14.07 -7.81
CA LEU A 32 3.91 -12.95 -8.56
C LEU A 32 4.68 -12.06 -7.61
N GLY A 33 4.32 -12.14 -6.33
CA GLY A 33 5.00 -11.39 -5.30
C GLY A 33 6.47 -11.76 -5.21
N LEU A 34 7.32 -10.75 -5.20
CA LEU A 34 8.74 -10.99 -5.11
C LEU A 34 9.17 -11.38 -3.71
N ASP A 35 8.34 -11.05 -2.72
CA ASP A 35 8.71 -11.20 -1.31
C ASP A 35 7.84 -12.21 -0.53
N TYR A 36 6.59 -12.41 -0.98
CA TYR A 36 5.65 -13.31 -0.34
C TYR A 36 4.98 -14.19 -1.37
N ARG A 37 4.63 -15.41 -0.95
CA ARG A 37 3.61 -16.19 -1.64
C ARG A 37 2.30 -15.90 -0.90
N ILE A 38 1.24 -15.58 -1.64
CA ILE A 38 -0.05 -15.27 -1.07
C ILE A 38 -1.03 -16.36 -1.52
N VAL A 39 -1.59 -17.07 -0.56
CA VAL A 39 -2.54 -18.14 -0.83
C VAL A 39 -3.85 -17.79 -0.15
N ILE A 40 -4.95 -17.95 -0.85
CA ILE A 40 -6.25 -17.88 -0.20
C ILE A 40 -6.76 -19.32 -0.14
N ALA A 41 -6.98 -19.79 1.09
CA ALA A 41 -7.24 -21.18 1.35
C ALA A 41 -8.44 -21.30 2.26
N THR A 42 -9.20 -22.36 2.10
CA THR A 42 -10.30 -22.65 2.98
C THR A 42 -9.77 -23.45 4.15
N VAL A 43 -10.29 -23.15 5.34
N VAL A 43 -10.26 -23.16 5.34
CA VAL A 43 -9.85 -23.78 6.58
CA VAL A 43 -9.84 -23.89 6.52
C VAL A 43 -11.06 -24.56 7.14
C VAL A 43 -11.05 -24.64 7.07
N ASP A 44 -10.81 -25.49 8.06
CA ASP A 44 -11.89 -26.30 8.60
C ASP A 44 -12.96 -25.50 9.37
N ASP A 45 -12.75 -24.19 9.53
CA ASP A 45 -13.82 -23.34 10.06
C ASP A 45 -14.82 -22.92 8.97
N GLY A 46 -14.71 -23.52 7.77
CA GLY A 46 -15.57 -23.20 6.63
C GLY A 46 -15.23 -21.86 5.98
N ARG A 47 -14.28 -21.16 6.55
CA ARG A 47 -13.97 -19.80 6.19
C ARG A 47 -12.72 -19.75 5.33
N ARG A 48 -12.61 -18.75 4.47
CA ARG A 48 -11.37 -18.54 3.74
C ARG A 48 -10.40 -17.71 4.60
N TRP A 49 -9.14 -18.11 4.55
CA TRP A 49 -8.06 -17.39 5.20
C TRP A 49 -7.02 -17.02 4.14
N VAL A 50 -6.34 -15.90 4.37
CA VAL A 50 -5.19 -15.51 3.56
C VAL A 50 -3.93 -15.98 4.27
N LEU A 51 -3.11 -16.75 3.55
CA LEU A 51 -1.79 -17.16 4.01
C LEU A 51 -0.79 -16.25 3.32
N ARG A 52 -0.05 -15.49 4.13
CA ARG A 52 0.93 -14.53 3.64
C ARG A 52 2.28 -15.12 4.05
N ILE A 53 2.99 -15.68 3.09
CA ILE A 53 4.12 -16.55 3.37
C ILE A 53 5.41 -15.85 2.96
N PRO A 54 6.19 -15.38 3.95
CA PRO A 54 7.47 -14.73 3.61
C PRO A 54 8.40 -15.69 2.88
N ARG A 55 9.07 -15.23 1.84
CA ARG A 55 9.90 -16.13 1.07
C ARG A 55 11.31 -16.29 1.60
N ARG A 56 11.80 -15.28 2.31
CA ARG A 56 13.22 -15.23 2.70
C ARG A 56 13.39 -14.54 4.03
N ALA A 57 14.52 -14.77 4.67
CA ALA A 57 14.77 -14.27 6.01
C ALA A 57 14.59 -12.76 6.10
N GLU A 58 15.02 -12.02 5.09
CA GLU A 58 14.94 -10.58 5.15
C GLU A 58 13.50 -10.08 5.07
N VAL A 59 12.63 -10.86 4.45
CA VAL A 59 11.19 -10.57 4.46
C VAL A 59 10.56 -10.94 5.79
N SER A 60 10.91 -12.11 6.31
CA SER A 60 10.40 -12.57 7.61
C SER A 60 10.65 -11.57 8.71
N ALA A 61 11.76 -10.85 8.60
CA ALA A 61 12.13 -9.85 9.61
C ALA A 61 11.11 -8.73 9.74
N LYS A 62 10.28 -8.56 8.71
CA LYS A 62 9.30 -7.47 8.72
C LYS A 62 8.00 -7.83 9.43
N VAL A 63 7.77 -9.12 9.70
CA VAL A 63 6.50 -9.55 10.25
C VAL A 63 6.21 -8.96 11.64
N GLU A 64 7.16 -9.05 12.54
CA GLU A 64 6.93 -8.59 13.90
C GLU A 64 6.55 -7.09 13.98
N PRO A 65 7.32 -6.21 13.32
CA PRO A 65 6.92 -4.79 13.38
C PRO A 65 5.57 -4.52 12.72
N GLU A 66 5.31 -5.18 11.59
N GLU A 66 5.26 -5.16 11.59
CA GLU A 66 4.08 -5.00 10.88
CA GLU A 66 3.98 -4.90 10.95
C GLU A 66 2.88 -5.45 11.73
C GLU A 66 2.83 -5.43 11.81
N ALA A 67 3.05 -6.55 12.48
CA ALA A 67 2.01 -7.07 13.34
C ALA A 67 1.62 -6.05 14.40
N ARG A 68 2.61 -5.37 14.95
CA ARG A 68 2.36 -4.32 15.95
C ARG A 68 1.55 -3.18 15.40
N VAL A 69 1.84 -2.77 14.16
CA VAL A 69 1.05 -1.75 13.50
C VAL A 69 -0.41 -2.12 13.42
N LEU A 70 -0.68 -3.32 12.87
CA LEU A 70 -2.07 -3.75 12.69
C LEU A 70 -2.82 -3.91 13.98
N ALA A 71 -2.13 -4.38 15.02
CA ALA A 71 -2.78 -4.53 16.32
C ALA A 71 -3.23 -3.16 16.84
N MET A 72 -2.41 -2.15 16.60
CA MET A 72 -2.75 -0.81 17.05
C MET A 72 -3.88 -0.22 16.24
N LEU A 73 -3.86 -0.48 14.94
CA LEU A 73 -4.83 0.17 14.07
C LEU A 73 -6.25 -0.38 14.24
N LYS A 74 -6.36 -1.62 14.73
CA LYS A 74 -7.63 -2.36 14.66
C LYS A 74 -8.79 -1.56 15.24
N ASN A 75 -8.69 -1.12 16.50
CA ASN A 75 -9.78 -0.36 17.14
C ASN A 75 -9.88 1.10 16.73
N ARG A 76 -8.87 1.60 16.04
N ARG A 76 -8.85 1.58 16.04
CA ARG A 76 -8.78 3.02 15.75
CA ARG A 76 -8.70 3.00 15.73
C ARG A 76 -9.21 3.40 14.35
C ARG A 76 -9.03 3.35 14.27
N LEU A 77 -9.67 2.41 13.57
CA LEU A 77 -10.13 2.67 12.22
C LEU A 77 -11.58 2.20 12.13
N PRO A 78 -12.44 3.00 11.48
CA PRO A 78 -13.85 2.62 11.27
C PRO A 78 -14.04 1.75 10.04
N PHE A 79 -13.02 0.98 9.71
CA PHE A 79 -13.07 0.03 8.64
C PHE A 79 -12.13 -1.09 8.98
N ALA A 80 -12.26 -2.20 8.26
CA ALA A 80 -11.52 -3.41 8.59
C ALA A 80 -10.08 -3.38 8.09
N VAL A 81 -9.20 -4.03 8.84
CA VAL A 81 -7.84 -4.32 8.40
C VAL A 81 -7.57 -5.79 8.71
N PRO A 82 -6.57 -6.37 8.07
CA PRO A 82 -6.28 -7.79 8.34
C PRO A 82 -6.04 -8.06 9.82
N ASP A 83 -6.67 -9.13 10.30
CA ASP A 83 -6.56 -9.55 11.68
C ASP A 83 -5.60 -10.73 11.72
N TRP A 84 -4.33 -10.43 11.96
CA TRP A 84 -3.24 -11.40 11.90
C TRP A 84 -3.25 -12.35 13.10
N ARG A 85 -4.16 -13.30 13.07
CA ARG A 85 -4.31 -14.24 14.16
C ARG A 85 -3.12 -15.18 14.23
N VAL A 86 -2.42 -15.32 13.10
CA VAL A 86 -1.13 -15.96 13.06
C VAL A 86 -0.13 -14.95 12.54
N ALA A 87 0.99 -14.78 13.24
CA ALA A 87 2.02 -13.84 12.79
C ALA A 87 3.35 -14.32 13.28
N ASN A 88 4.09 -14.98 12.40
CA ASN A 88 5.41 -15.45 12.72
C ASN A 88 6.28 -15.40 11.49
N ALA A 89 7.56 -15.69 11.66
CA ALA A 89 8.52 -15.54 10.59
C ALA A 89 8.18 -16.41 9.40
N GLU A 90 7.60 -17.59 9.62
CA GLU A 90 7.34 -18.47 8.48
C GLU A 90 5.93 -18.32 7.90
N LEU A 91 5.03 -17.67 8.61
CA LEU A 91 3.63 -17.55 8.17
C LEU A 91 2.91 -16.43 8.88
N VAL A 92 2.25 -15.56 8.10
CA VAL A 92 1.18 -14.69 8.59
C VAL A 92 -0.11 -15.26 8.04
N ALA A 93 -1.16 -15.27 8.86
CA ALA A 93 -2.46 -15.69 8.36
C ALA A 93 -3.56 -14.92 9.03
N TYR A 94 -4.57 -14.60 8.24
CA TYR A 94 -5.72 -13.84 8.73
C TYR A 94 -6.97 -14.30 8.00
N PRO A 95 -8.12 -14.24 8.68
CA PRO A 95 -9.36 -14.53 7.98
C PRO A 95 -9.52 -13.57 6.80
N MET A 96 -9.90 -14.08 5.64
N MET A 96 -9.92 -14.10 5.67
CA MET A 96 -10.04 -13.22 4.47
CA MET A 96 -10.15 -13.31 4.48
C MET A 96 -11.14 -12.21 4.71
C MET A 96 -11.16 -12.20 4.75
N LEU A 97 -10.85 -10.98 4.35
CA LEU A 97 -11.86 -9.91 4.32
C LEU A 97 -12.52 -10.08 2.96
N GLU A 98 -13.73 -10.61 2.94
CA GLU A 98 -14.29 -11.11 1.69
C GLU A 98 -14.74 -10.03 0.74
N ASP A 99 -14.92 -8.81 1.21
CA ASP A 99 -15.32 -7.73 0.31
C ASP A 99 -14.27 -7.58 -0.79
N SER A 100 -14.72 -7.22 -1.97
CA SER A 100 -13.84 -7.03 -3.10
C SER A 100 -12.91 -5.85 -2.89
N THR A 101 -11.73 -5.95 -3.51
CA THR A 101 -10.92 -4.78 -3.75
C THR A 101 -11.64 -3.83 -4.72
N ALA A 102 -11.25 -2.57 -4.69
CA ALA A 102 -11.86 -1.55 -5.54
C ALA A 102 -11.31 -1.52 -6.98
N MET A 103 -10.37 -2.44 -7.25
N MET A 103 -10.41 -2.47 -7.25
CA MET A 103 -9.83 -2.73 -8.58
CA MET A 103 -9.95 -2.75 -8.60
C MET A 103 -9.64 -4.24 -8.65
C MET A 103 -9.67 -4.23 -8.65
N VAL A 104 -10.15 -4.87 -9.73
CA VAL A 104 -10.00 -6.30 -9.95
C VAL A 104 -9.12 -6.54 -11.18
N ILE A 105 -8.19 -7.46 -11.07
CA ILE A 105 -7.25 -7.71 -12.15
C ILE A 105 -6.82 -9.17 -12.08
N GLN A 106 -6.67 -9.79 -13.24
CA GLN A 106 -6.23 -11.18 -13.27
C GLN A 106 -4.73 -11.20 -13.06
N PRO A 107 -4.21 -12.21 -12.36
CA PRO A 107 -2.80 -12.19 -11.97
C PRO A 107 -1.88 -12.18 -13.19
N GLY A 108 -0.87 -11.31 -13.15
CA GLY A 108 0.08 -11.20 -14.23
C GLY A 108 -0.35 -10.18 -15.27
N SER A 109 -1.65 -9.92 -15.35
CA SER A 109 -2.19 -9.04 -16.38
C SER A 109 -1.73 -7.62 -16.18
N SER A 110 -1.58 -6.89 -17.27
CA SER A 110 -1.25 -5.48 -17.19
C SER A 110 -2.50 -4.60 -17.28
N THR A 111 -3.68 -5.22 -17.38
CA THR A 111 -4.93 -4.47 -17.55
C THR A 111 -5.99 -4.96 -16.58
N PRO A 112 -6.48 -4.08 -15.69
CA PRO A 112 -7.54 -4.52 -14.78
C PRO A 112 -8.80 -4.92 -15.53
N ASP A 113 -9.57 -5.81 -14.93
CA ASP A 113 -10.90 -6.10 -15.43
C ASP A 113 -11.87 -5.01 -15.07
N TRP A 114 -11.64 -4.33 -13.94
CA TRP A 114 -12.62 -3.39 -13.43
C TRP A 114 -11.94 -2.49 -12.41
N VAL A 115 -12.38 -1.24 -12.41
CA VAL A 115 -12.02 -0.28 -11.38
C VAL A 115 -13.30 0.43 -10.96
N VAL A 116 -13.47 0.66 -9.68
CA VAL A 116 -14.65 1.38 -9.19
C VAL A 116 -14.78 2.69 -9.98
N PRO A 117 -16.00 3.01 -10.45
CA PRO A 117 -16.12 4.14 -11.39
C PRO A 117 -15.89 5.51 -10.80
N GLN A 118 -15.40 6.40 -11.67
CA GLN A 118 -15.23 7.80 -11.34
C GLN A 118 -16.51 8.37 -10.77
N ASP A 119 -17.65 7.97 -11.33
CA ASP A 119 -18.92 8.57 -10.90
C ASP A 119 -19.55 7.88 -9.69
N SER A 120 -18.82 6.97 -9.03
CA SER A 120 -19.33 6.40 -7.80
C SER A 120 -19.12 7.39 -6.66
N GLU A 121 -20.18 8.09 -6.31
CA GLU A 121 -20.07 9.07 -5.25
C GLU A 121 -19.90 8.39 -3.92
N VAL A 122 -20.53 7.23 -3.74
CA VAL A 122 -20.37 6.51 -2.46
C VAL A 122 -18.92 6.11 -2.27
N PHE A 123 -18.26 5.61 -3.29
CA PHE A 123 -16.84 5.30 -3.17
C PHE A 123 -16.00 6.55 -2.89
N ALA A 124 -16.21 7.60 -3.65
CA ALA A 124 -15.37 8.79 -3.53
C ALA A 124 -15.50 9.36 -2.13
N GLU A 125 -16.73 9.47 -1.68
CA GLU A 125 -17.01 10.07 -0.41
C GLU A 125 -16.47 9.21 0.75
N SER A 126 -16.72 7.91 0.69
CA SER A 126 -16.28 7.03 1.77
C SER A 126 -14.77 6.82 1.76
N PHE A 127 -14.13 6.91 0.61
CA PHE A 127 -12.67 6.86 0.59
C PHE A 127 -12.13 8.10 1.27
N ALA A 128 -12.69 9.27 0.97
CA ALA A 128 -12.22 10.50 1.57
C ALA A 128 -12.37 10.48 3.09
N THR A 129 -13.51 10.03 3.61
CA THR A 129 -13.67 10.00 5.06
C THR A 129 -12.84 8.90 5.70
N ALA A 130 -12.64 7.78 5.01
CA ALA A 130 -11.80 6.73 5.56
C ALA A 130 -10.35 7.22 5.67
N LEU A 131 -9.93 7.99 4.67
CA LEU A 131 -8.58 8.52 4.67
C LEU A 131 -8.38 9.55 5.77
N ALA A 132 -9.37 10.42 5.98
CA ALA A 132 -9.30 11.34 7.10
C ALA A 132 -9.20 10.56 8.40
N ALA A 133 -9.97 9.49 8.54
CA ALA A 133 -9.95 8.70 9.76
C ALA A 133 -8.54 8.10 9.97
N LEU A 134 -7.96 7.51 8.94
CA LEU A 134 -6.61 6.95 9.09
C LEU A 134 -5.63 8.03 9.50
N HIS A 135 -5.70 9.18 8.84
CA HIS A 135 -4.74 10.23 9.10
C HIS A 135 -4.96 10.91 10.45
N ALA A 136 -6.05 10.58 11.13
CA ALA A 136 -6.35 11.06 12.47
C ALA A 136 -5.83 10.14 13.56
N VAL A 137 -5.27 9.00 13.22
CA VAL A 137 -4.72 8.10 14.24
C VAL A 137 -3.60 8.87 14.95
N PRO A 138 -3.62 8.95 16.27
CA PRO A 138 -2.63 9.80 16.95
C PRO A 138 -1.19 9.33 16.75
N ILE A 139 -0.31 10.31 16.58
N ILE A 139 -0.28 10.26 16.60
CA ILE A 139 1.11 10.09 16.51
CA ILE A 139 1.12 9.88 16.51
C ILE A 139 1.58 9.25 17.68
C ILE A 139 1.57 9.20 17.81
N SER A 140 1.07 9.55 18.87
N SER A 140 1.01 9.58 18.95
CA SER A 140 1.48 8.81 20.06
CA SER A 140 1.32 8.88 20.20
C SER A 140 1.20 7.32 19.91
C SER A 140 1.09 7.36 20.07
N ALA A 141 0.04 6.98 19.34
CA ALA A 141 -0.31 5.57 19.15
C ALA A 141 0.68 4.90 18.22
N ALA A 142 1.09 5.62 17.20
CA ALA A 142 2.10 5.12 16.27
C ALA A 142 3.43 4.87 17.00
N VAL A 143 3.85 5.83 17.82
CA VAL A 143 5.10 5.69 18.57
C VAL A 143 5.00 4.51 19.55
N ASP A 144 3.89 4.43 20.26
CA ASP A 144 3.70 3.35 21.21
C ASP A 144 3.73 1.98 20.50
N ALA A 145 3.34 1.93 19.23
CA ALA A 145 3.36 0.71 18.44
C ALA A 145 4.67 0.48 17.71
N GLY A 146 5.66 1.34 17.92
CA GLY A 146 6.97 1.14 17.33
C GLY A 146 7.07 1.45 15.84
N MET A 147 6.17 2.27 15.34
CA MET A 147 6.15 2.60 13.92
C MET A 147 7.36 3.42 13.52
N LEU A 148 7.67 3.34 12.23
CA LEU A 148 8.61 4.24 11.60
C LEU A 148 8.04 5.64 11.61
N ILE A 149 8.78 6.58 12.19
CA ILE A 149 8.31 7.95 12.35
C ILE A 149 9.20 8.89 11.57
N ARG A 150 8.61 9.74 10.74
CA ARG A 150 9.32 10.82 10.07
C ARG A 150 8.68 12.15 10.39
N THR A 151 9.45 13.04 11.00
CA THR A 151 9.07 14.44 11.09
C THR A 151 8.98 15.03 9.67
N PRO A 152 8.43 16.24 9.53
CA PRO A 152 8.47 16.85 8.20
C PRO A 152 9.87 16.92 7.61
N THR A 153 10.85 17.26 8.43
CA THR A 153 12.21 17.32 7.91
C THR A 153 12.70 15.95 7.47
N GLN A 154 12.47 14.93 8.27
CA GLN A 154 12.86 13.58 7.91
C GLN A 154 12.10 13.08 6.67
N ALA A 155 10.86 13.51 6.52
CA ALA A 155 10.04 13.11 5.36
C ALA A 155 10.67 13.65 4.08
N ARG A 156 11.09 14.91 4.13
CA ARG A 156 11.66 15.55 2.98
C ARG A 156 13.05 14.98 2.69
N GLN A 157 13.81 14.69 3.75
CA GLN A 157 15.10 14.05 3.60
C GLN A 157 15.02 12.69 2.94
N LYS A 158 13.99 11.93 3.25
CA LYS A 158 13.79 10.61 2.64
C LYS A 158 13.57 10.75 1.15
N VAL A 159 12.76 11.69 0.73
CA VAL A 159 12.57 11.92 -0.69
C VAL A 159 13.89 12.32 -1.35
N ALA A 160 14.63 13.24 -0.72
CA ALA A 160 15.93 13.63 -1.24
C ALA A 160 16.86 12.42 -1.38
N ASP A 161 16.87 11.56 -0.38
CA ASP A 161 17.76 10.37 -0.38
C ASP A 161 17.37 9.43 -1.52
N ASP A 162 16.08 9.26 -1.73
CA ASP A 162 15.61 8.36 -2.78
C ASP A 162 15.97 8.92 -4.15
N VAL A 163 15.74 10.20 -4.36
CA VAL A 163 16.15 10.85 -5.59
C VAL A 163 17.64 10.69 -5.82
N ASP A 164 18.44 10.94 -4.78
CA ASP A 164 19.87 10.84 -4.93
C ASP A 164 20.32 9.42 -5.27
N ARG A 165 19.67 8.42 -4.69
CA ARG A 165 20.04 7.04 -4.98
C ARG A 165 19.73 6.70 -6.44
N VAL A 166 18.58 7.14 -6.94
CA VAL A 166 18.26 6.94 -8.36
C VAL A 166 19.28 7.66 -9.24
N ARG A 167 19.66 8.88 -8.85
CA ARG A 167 20.61 9.64 -9.65
C ARG A 167 21.98 8.94 -9.70
N ARG A 168 22.36 8.20 -8.65
CA ARG A 168 23.62 7.42 -8.60
C ARG A 168 23.61 6.14 -9.43
N GLU A 169 22.45 5.50 -9.52
CA GLU A 169 22.37 4.15 -10.04
C GLU A 169 21.91 4.13 -11.49
N PHE A 170 21.27 5.22 -11.90
CA PHE A 170 20.61 5.28 -13.20
C PHE A 170 20.96 6.56 -13.94
N VAL A 171 20.70 6.59 -15.24
N VAL A 171 20.69 6.58 -15.24
CA VAL A 171 20.76 7.81 -16.06
CA VAL A 171 20.73 7.81 -15.98
C VAL A 171 19.36 8.35 -16.33
C VAL A 171 19.30 8.29 -16.17
N VAL A 172 19.07 9.54 -15.83
CA VAL A 172 17.72 10.08 -15.73
C VAL A 172 17.57 11.28 -16.65
N ASN A 173 16.44 11.35 -17.33
CA ASN A 173 16.10 12.51 -18.12
C ASN A 173 16.32 13.82 -17.34
N ASP A 174 16.98 14.77 -17.96
CA ASP A 174 17.40 15.98 -17.28
C ASP A 174 16.22 16.76 -16.73
N LYS A 175 15.11 16.77 -17.46
CA LYS A 175 13.93 17.46 -17.00
C LYS A 175 13.30 16.82 -15.78
N ARG A 176 13.33 15.49 -15.68
CA ARG A 176 12.85 14.84 -14.45
C ARG A 176 13.72 15.24 -13.28
N LEU A 177 15.04 15.22 -13.47
CA LEU A 177 15.94 15.57 -12.37
C LEU A 177 15.64 16.97 -11.90
N HIS A 178 15.42 17.90 -12.84
N HIS A 178 15.43 17.85 -12.85
CA HIS A 178 15.15 19.28 -12.48
CA HIS A 178 15.23 19.22 -12.51
C HIS A 178 13.82 19.36 -11.76
C HIS A 178 13.84 19.41 -11.85
N ARG A 179 12.84 18.59 -12.22
CA ARG A 179 11.54 18.63 -11.59
C ARG A 179 11.65 18.22 -10.13
N TRP A 180 12.34 17.12 -9.87
CA TRP A 180 12.44 16.63 -8.52
C TRP A 180 13.22 17.60 -7.64
N GLN A 181 14.28 18.19 -8.17
CA GLN A 181 15.07 19.13 -7.40
C GLN A 181 14.26 20.36 -7.07
N ARG A 182 13.56 20.90 -8.07
CA ARG A 182 12.73 22.07 -7.84
C ARG A 182 11.69 21.77 -6.76
N TRP A 183 11.08 20.60 -6.83
CA TRP A 183 10.10 20.21 -5.83
C TRP A 183 10.71 20.19 -4.43
N LEU A 184 11.85 19.52 -4.31
CA LEU A 184 12.53 19.44 -3.04
C LEU A 184 12.88 20.80 -2.48
N ASP A 185 13.14 21.77 -3.35
CA ASP A 185 13.51 23.11 -2.92
C ASP A 185 12.32 24.05 -2.76
N ASP A 186 11.12 23.58 -3.08
CA ASP A 186 9.94 24.43 -3.08
C ASP A 186 9.27 24.37 -1.73
N ASP A 187 9.69 25.23 -0.81
CA ASP A 187 9.23 25.17 0.58
C ASP A 187 7.70 25.12 0.70
N SER A 188 7.00 25.91 -0.09
CA SER A 188 5.56 26.03 0.05
C SER A 188 4.79 24.75 -0.28
N SER A 189 5.43 23.83 -1.00
CA SER A 189 4.79 22.57 -1.34
C SER A 189 4.66 21.63 -0.14
N TRP A 190 5.63 21.69 0.77
CA TRP A 190 5.83 20.63 1.78
C TRP A 190 5.00 20.90 3.02
N PRO A 191 4.38 19.85 3.59
CA PRO A 191 3.59 20.05 4.80
C PRO A 191 4.48 20.26 6.03
N ASP A 192 3.88 20.94 7.00
N ASP A 192 3.96 20.92 7.04
CA ASP A 192 4.51 21.25 8.28
CA ASP A 192 4.72 21.13 8.28
C ASP A 192 4.09 20.27 9.38
C ASP A 192 4.31 20.16 9.39
N PHE A 193 3.66 19.07 8.99
CA PHE A 193 3.27 18.03 9.90
C PHE A 193 3.32 16.72 9.13
N SER A 194 3.37 15.62 9.88
CA SER A 194 3.23 14.27 9.36
C SER A 194 2.02 13.59 10.01
N VAL A 195 1.55 12.51 9.39
CA VAL A 195 0.44 11.72 9.91
C VAL A 195 0.72 10.26 9.71
N VAL A 196 -0.07 9.41 10.36
CA VAL A 196 -0.06 7.99 10.07
C VAL A 196 -0.57 7.78 8.63
N VAL A 197 0.26 7.18 7.80
CA VAL A 197 -0.10 6.88 6.41
C VAL A 197 -0.06 5.38 6.17
N HIS A 198 -0.89 4.94 5.23
CA HIS A 198 -0.89 3.56 4.76
C HIS A 198 0.41 3.27 4.00
N GLY A 199 0.83 4.21 3.14
CA GLY A 199 2.12 4.10 2.48
C GLY A 199 2.13 3.45 1.12
N ASP A 200 1.11 2.67 0.78
CA ASP A 200 1.04 2.02 -0.53
C ASP A 200 -0.42 1.93 -0.93
N LEU A 201 -1.08 3.08 -0.89
CA LEU A 201 -2.53 3.10 -0.97
C LEU A 201 -3.02 3.44 -2.36
N TYR A 202 -3.81 2.53 -2.91
CA TYR A 202 -4.48 2.71 -4.20
C TYR A 202 -5.68 1.79 -4.22
N VAL A 203 -6.48 1.88 -5.27
CA VAL A 203 -7.72 1.12 -5.34
C VAL A 203 -7.53 -0.38 -5.11
N GLY A 204 -6.40 -0.95 -5.51
CA GLY A 204 -6.17 -2.38 -5.32
C GLY A 204 -5.94 -2.77 -3.87
N HIS A 205 -5.73 -1.80 -2.99
CA HIS A 205 -5.54 -2.08 -1.57
C HIS A 205 -6.69 -1.57 -0.71
N VAL A 206 -7.78 -1.15 -1.35
CA VAL A 206 -8.98 -0.68 -0.67
C VAL A 206 -10.09 -1.70 -0.92
N LEU A 207 -10.80 -2.10 0.15
CA LEU A 207 -11.94 -3.00 0.01
C LEU A 207 -13.22 -2.21 0.07
N ILE A 208 -14.22 -2.67 -0.69
CA ILE A 208 -15.52 -2.02 -0.75
C ILE A 208 -16.63 -3.03 -0.56
N ASP A 209 -17.71 -2.59 0.07
CA ASP A 209 -18.88 -3.45 0.13
C ASP A 209 -19.63 -3.39 -1.20
N ASN A 210 -20.72 -4.15 -1.34
CA ASN A 210 -21.32 -4.23 -2.67
C ASN A 210 -22.00 -2.92 -3.14
N THR A 211 -22.16 -1.99 -2.19
CA THR A 211 -22.62 -0.64 -2.53
C THR A 211 -21.51 0.31 -2.95
N GLU A 212 -20.29 -0.20 -2.94
CA GLU A 212 -19.06 0.55 -3.28
C GLU A 212 -18.58 1.45 -2.16
N ARG A 213 -19.10 1.23 -0.96
CA ARG A 213 -18.60 1.94 0.21
C ARG A 213 -17.32 1.30 0.74
N VAL A 214 -16.31 2.12 1.01
CA VAL A 214 -15.06 1.61 1.58
C VAL A 214 -15.36 0.87 2.87
N SER A 215 -14.88 -0.37 2.97
CA SER A 215 -15.12 -1.21 4.12
C SER A 215 -13.83 -1.70 4.76
N GLY A 216 -12.71 -1.53 4.10
CA GLY A 216 -11.46 -2.05 4.61
C GLY A 216 -10.27 -1.57 3.80
N MET A 217 -9.08 -1.77 4.34
CA MET A 217 -7.85 -1.62 3.57
C MET A 217 -6.89 -2.74 3.91
N ILE A 218 -6.05 -3.11 2.95
CA ILE A 218 -5.14 -4.23 3.09
C ILE A 218 -3.72 -3.81 2.69
N ASP A 219 -2.77 -4.70 2.93
CA ASP A 219 -1.39 -4.58 2.45
C ASP A 219 -0.70 -3.34 3.05
N TRP A 220 -0.48 -3.42 4.36
CA TRP A 220 -0.03 -2.33 5.19
C TRP A 220 1.49 -2.25 5.42
N SER A 221 2.28 -2.96 4.63
N SER A 221 2.27 -2.97 4.62
CA SER A 221 3.72 -3.05 4.91
CA SER A 221 3.72 -3.06 4.85
C SER A 221 4.48 -1.74 4.83
C SER A 221 4.43 -1.72 4.91
N GLU A 222 3.93 -0.74 4.14
CA GLU A 222 4.60 0.55 4.01
C GLU A 222 4.11 1.57 5.02
N ALA A 223 3.28 1.15 5.97
CA ALA A 223 2.69 2.10 6.92
C ALA A 223 3.75 2.73 7.79
N ARG A 224 3.54 3.98 8.13
CA ARG A 224 4.56 4.81 8.83
C ARG A 224 3.93 6.15 9.15
N VAL A 225 4.63 6.99 9.90
CA VAL A 225 4.21 8.37 10.08
C VAL A 225 5.06 9.21 9.11
N ASP A 226 4.39 9.92 8.20
CA ASP A 226 5.10 10.58 7.11
C ASP A 226 4.14 11.58 6.45
N ASP A 227 4.52 12.07 5.28
CA ASP A 227 3.79 13.06 4.50
C ASP A 227 2.40 12.57 4.10
N PRO A 228 1.34 13.27 4.50
CA PRO A 228 -0.02 12.80 4.17
C PRO A 228 -0.24 12.57 2.68
N ALA A 229 0.42 13.35 1.83
CA ALA A 229 0.17 13.28 0.41
C ALA A 229 0.57 11.93 -0.18
N ILE A 230 1.40 11.18 0.51
CA ILE A 230 1.78 9.85 0.08
C ILE A 230 0.54 9.02 -0.25
N ASP A 231 -0.51 9.18 0.54
CA ASP A 231 -1.73 8.37 0.40
C ASP A 231 -2.76 8.94 -0.58
N MET A 232 -2.41 10.00 -1.28
N MET A 232 -2.47 10.05 -1.25
CA MET A 232 -3.33 10.66 -2.19
CA MET A 232 -3.38 10.63 -2.25
C MET A 232 -2.85 10.59 -3.64
C MET A 232 -2.87 10.52 -3.68
N ALA A 233 -1.58 10.26 -3.86
CA ALA A 233 -1.01 10.24 -5.20
C ALA A 233 -1.73 9.28 -6.13
N ALA A 234 -2.03 8.06 -5.66
CA ALA A 234 -2.68 7.10 -6.54
C ALA A 234 -4.12 7.47 -6.84
N HIS A 235 -4.79 8.20 -5.96
CA HIS A 235 -6.13 8.68 -6.22
C HIS A 235 -6.10 9.67 -7.39
N LEU A 236 -5.14 10.59 -7.38
CA LEU A 236 -4.93 11.48 -8.52
C LEU A 236 -4.66 10.69 -9.79
N MET A 237 -3.81 9.68 -9.73
N MET A 237 -3.83 9.65 -9.68
CA MET A 237 -3.52 8.94 -10.94
CA MET A 237 -3.45 8.84 -10.84
C MET A 237 -4.80 8.34 -11.52
C MET A 237 -4.65 8.15 -11.49
N VAL A 238 -5.55 7.65 -10.67
CA VAL A 238 -6.69 6.87 -11.16
C VAL A 238 -7.89 7.73 -11.47
N PHE A 239 -8.17 8.76 -10.65
CA PHE A 239 -9.40 9.55 -10.80
C PHE A 239 -9.17 10.97 -11.31
N GLY A 240 -7.93 11.33 -11.59
CA GLY A 240 -7.61 12.60 -12.20
C GLY A 240 -7.79 13.79 -11.27
N GLU A 241 -7.57 14.97 -11.83
CA GLU A 241 -7.69 16.19 -11.04
C GLU A 241 -9.11 16.40 -10.55
N GLU A 242 -10.09 15.96 -11.33
CA GLU A 242 -11.50 15.99 -10.91
C GLU A 242 -11.69 15.18 -9.64
N GLY A 243 -11.18 13.96 -9.63
CA GLY A 243 -11.33 13.10 -8.48
C GLY A 243 -10.55 13.67 -7.30
N LEU A 244 -9.37 14.22 -7.56
CA LEU A 244 -8.58 14.78 -6.47
C LEU A 244 -9.30 15.96 -5.82
N ALA A 245 -9.91 16.82 -6.61
CA ALA A 245 -10.62 17.98 -6.07
C ALA A 245 -11.73 17.52 -5.13
N LYS A 246 -12.49 16.50 -5.53
CA LYS A 246 -13.57 15.99 -4.70
C LYS A 246 -13.02 15.40 -3.42
N LEU A 247 -11.96 14.63 -3.53
CA LEU A 247 -11.31 14.05 -2.37
C LEU A 247 -10.90 15.13 -1.37
N LEU A 248 -10.24 16.19 -1.83
CA LEU A 248 -9.70 17.14 -0.87
C LEU A 248 -10.81 17.91 -0.16
N LEU A 249 -11.90 18.20 -0.86
N LEU A 249 -11.92 18.16 -0.85
CA LEU A 249 -13.00 18.90 -0.23
CA LEU A 249 -13.04 18.89 -0.26
C LEU A 249 -13.56 18.04 0.91
C LEU A 249 -13.72 18.09 0.84
N THR A 250 -13.93 16.80 0.60
CA THR A 250 -14.53 15.95 1.60
C THR A 250 -13.55 15.58 2.72
N TYR A 251 -12.31 15.31 2.36
CA TYR A 251 -11.27 15.02 3.35
C TYR A 251 -11.18 16.13 4.36
N GLU A 252 -11.12 17.38 3.90
CA GLU A 252 -11.06 18.51 4.80
C GLU A 252 -12.33 18.60 5.64
N ALA A 253 -13.49 18.43 5.04
CA ALA A 253 -14.75 18.50 5.78
C ALA A 253 -14.84 17.44 6.86
N ALA A 254 -14.21 16.29 6.62
CA ALA A 254 -14.21 15.20 7.57
C ALA A 254 -13.14 15.37 8.65
N GLY A 255 -12.42 16.48 8.65
CA GLY A 255 -11.41 16.77 9.65
C GLY A 255 -9.98 16.57 9.24
N GLY A 256 -9.75 16.15 8.01
CA GLY A 256 -8.40 16.00 7.52
C GLY A 256 -7.69 17.34 7.45
N ARG A 257 -6.45 17.37 7.90
CA ARG A 257 -5.65 18.60 7.86
C ARG A 257 -5.06 18.82 6.49
N VAL A 258 -5.23 20.03 5.96
CA VAL A 258 -4.73 20.35 4.63
C VAL A 258 -3.78 21.54 4.72
N TRP A 259 -3.18 21.89 3.59
CA TRP A 259 -2.37 23.10 3.48
C TRP A 259 -2.58 23.63 2.08
N PRO A 260 -2.25 24.91 1.86
CA PRO A 260 -2.74 25.53 0.62
C PRO A 260 -2.25 24.83 -0.64
N ARG A 261 -1.01 24.35 -0.65
CA ARG A 261 -0.44 23.75 -1.86
C ARG A 261 -0.54 22.24 -1.86
N LEU A 262 -1.44 21.69 -1.06
CA LEU A 262 -1.62 20.23 -1.02
C LEU A 262 -1.87 19.60 -2.41
N ALA A 263 -2.76 20.16 -3.22
CA ALA A 263 -3.02 19.52 -4.50
C ALA A 263 -1.75 19.49 -5.36
N HIS A 264 -1.01 20.59 -5.38
CA HIS A 264 0.23 20.64 -6.11
C HIS A 264 1.21 19.57 -5.62
N HIS A 265 1.33 19.48 -4.30
CA HIS A 265 2.26 18.56 -3.68
C HIS A 265 1.93 17.11 -4.03
N ILE A 266 0.64 16.79 -4.09
CA ILE A 266 0.20 15.44 -4.45
C ILE A 266 0.63 15.11 -5.88
N ALA A 267 0.51 16.06 -6.79
CA ALA A 267 0.96 15.83 -8.16
C ALA A 267 2.47 15.59 -8.23
N GLU A 268 3.22 16.33 -7.43
CA GLU A 268 4.67 16.10 -7.37
C GLU A 268 5.01 14.75 -6.73
N ARG A 269 4.26 14.35 -5.71
CA ARG A 269 4.41 13.02 -5.16
C ARG A 269 4.11 11.95 -6.20
N LEU A 270 3.12 12.16 -7.03
CA LEU A 270 2.81 11.18 -8.07
C LEU A 270 3.98 11.11 -9.05
N ALA A 271 4.56 12.24 -9.43
CA ALA A 271 5.71 12.20 -10.33
C ALA A 271 6.87 11.45 -9.71
N PHE A 272 7.02 11.59 -8.40
CA PHE A 272 8.06 10.89 -7.64
C PHE A 272 7.86 9.36 -7.64
N GLY A 273 6.67 8.89 -8.02
CA GLY A 273 6.45 7.47 -8.20
C GLY A 273 7.47 6.82 -9.12
N ALA A 274 8.00 7.56 -10.10
CA ALA A 274 9.05 6.99 -10.95
C ALA A 274 10.30 6.63 -10.15
N VAL A 275 10.60 7.43 -9.12
CA VAL A 275 11.72 7.12 -8.22
C VAL A 275 11.42 5.85 -7.42
N THR A 276 10.23 5.81 -6.83
CA THR A 276 9.86 4.68 -6.04
C THR A 276 9.92 3.41 -6.86
N TYR A 277 9.40 3.47 -8.08
CA TYR A 277 9.43 2.30 -8.95
C TYR A 277 10.85 1.87 -9.31
N ALA A 278 11.70 2.85 -9.63
CA ALA A 278 13.07 2.51 -10.01
C ALA A 278 13.83 1.84 -8.88
N LEU A 279 13.63 2.33 -7.66
CA LEU A 279 14.30 1.72 -6.52
C LEU A 279 13.75 0.34 -6.20
N PHE A 280 12.44 0.17 -6.34
CA PHE A 280 11.80 -1.14 -6.22
C PHE A 280 12.41 -2.09 -7.24
N ALA A 281 12.55 -1.63 -8.47
CA ALA A 281 13.10 -2.44 -9.54
C ALA A 281 14.54 -2.83 -9.21
N LEU A 282 15.34 -1.86 -8.79
CA LEU A 282 16.74 -2.10 -8.46
C LEU A 282 16.87 -3.11 -7.33
N ASP A 283 16.10 -2.92 -6.27
CA ASP A 283 16.18 -3.81 -5.10
C ASP A 283 15.61 -5.19 -5.39
N SER A 284 14.72 -5.29 -6.37
CA SER A 284 14.09 -6.57 -6.68
C SER A 284 15.09 -7.49 -7.35
N GLY A 285 16.02 -6.91 -8.10
CA GLY A 285 16.93 -7.68 -8.94
C GLY A 285 16.24 -8.25 -10.16
N ASN A 286 14.95 -7.97 -10.29
CA ASN A 286 14.18 -8.42 -11.44
C ASN A 286 14.53 -7.64 -12.69
N GLU A 287 14.91 -8.33 -13.75
CA GLU A 287 15.41 -7.65 -14.94
C GLU A 287 14.31 -6.99 -15.76
N GLU A 288 13.10 -7.55 -15.74
CA GLU A 288 11.99 -6.94 -16.48
C GLU A 288 11.58 -5.61 -15.84
N TYR A 289 11.52 -5.61 -14.51
CA TYR A 289 11.24 -4.36 -13.79
C TYR A 289 12.34 -3.34 -14.01
N LEU A 290 13.59 -3.78 -13.95
CA LEU A 290 14.69 -2.87 -14.17
C LEU A 290 14.64 -2.27 -15.57
N ALA A 291 14.31 -3.07 -16.58
CA ALA A 291 14.22 -2.57 -17.94
C ALA A 291 13.15 -1.48 -18.04
N ALA A 292 12.00 -1.73 -17.42
CA ALA A 292 10.91 -0.76 -17.43
C ALA A 292 11.30 0.52 -16.69
N ALA A 293 11.98 0.38 -15.56
CA ALA A 293 12.40 1.56 -14.80
C ALA A 293 13.39 2.40 -15.58
N LYS A 294 14.41 1.78 -16.17
CA LYS A 294 15.41 2.55 -16.90
C LYS A 294 14.76 3.29 -18.06
N ALA A 295 13.84 2.61 -18.74
CA ALA A 295 13.16 3.22 -19.88
C ALA A 295 12.32 4.41 -19.42
N GLN A 296 11.61 4.26 -18.31
CA GLN A 296 10.84 5.37 -17.78
C GLN A 296 11.72 6.57 -17.37
N LEU A 297 12.79 6.29 -16.61
CA LEU A 297 13.64 7.36 -16.11
C LEU A 297 14.29 8.16 -17.22
N ALA A 298 14.69 7.47 -18.30
CA ALA A 298 15.36 8.13 -19.41
C ALA A 298 14.37 8.93 -20.27
N ALA A 299 13.11 8.54 -20.24
CA ALA A 299 12.09 9.18 -21.06
C ALA A 299 11.67 10.50 -20.46
N ALA A 300 11.38 11.45 -21.35
CA ALA A 300 10.75 12.68 -20.92
C ALA A 300 9.35 12.37 -20.40
N GLU A 301 8.97 13.06 -19.32
CA GLU A 301 7.66 12.88 -18.71
C GLU A 301 6.66 13.69 -19.51
O5' GMP B . -1.97 -9.39 -0.16
C5' GMP B . -1.76 -9.53 -1.57
C4' GMP B . -3.02 -9.36 -2.41
O4' GMP B . -3.98 -10.42 -2.14
C3' GMP B . -3.82 -8.07 -2.20
O3' GMP B . -3.27 -6.95 -2.84
C2' GMP B . -5.20 -8.47 -2.69
O2' GMP B . -5.25 -8.58 -4.12
C1' GMP B . -5.30 -9.87 -2.15
N9 GMP B . -5.81 -9.90 -0.76
C8 GMP B . -5.02 -10.15 0.33
N7 GMP B . -5.77 -10.13 1.44
C5 GMP B . -7.06 -9.86 1.04
C6 GMP B . -8.30 -9.75 1.73
O6 GMP B . -8.40 -9.94 3.04
N1 GMP B . -9.41 -9.45 1.04
C2 GMP B . -9.38 -9.31 -0.36
N2 GMP B . -10.60 -9.01 -0.95
N3 GMP B . -8.22 -9.43 -1.09
C4 GMP B . -7.11 -9.69 -0.37
HO5' GMP B . -1.19 -9.44 0.26
H5'1 GMP B . -1.39 -10.42 -1.75
H5'2 GMP B . -1.11 -8.87 -1.85
H4' GMP B . -2.76 -9.40 -3.34
H3' GMP B . -3.88 -7.90 -1.24
HO3' GMP B . -3.29 -6.26 -2.30
H2' GMP B . -5.89 -7.89 -2.34
HO2' GMP B . -5.88 -8.06 -4.44
H1' GMP B . -5.87 -10.41 -2.72
H8 GMP B . -4.08 -10.33 0.31
HN1 GMP B . -10.20 -9.38 1.47
HN21 GMP B . -10.65 -8.85 -1.85
HN22 GMP B . -11.34 -8.98 -0.45
C1 ZIT C . -1.52 1.26 -10.60
C2 ZIT C . -1.11 1.66 -9.22
C3 ZIT C . 0.37 1.53 -8.96
C4 ZIT C . 0.76 0.19 -8.47
C5 ZIT C . 2.20 -0.28 -8.58
C6 ZIT C . 2.72 -0.89 -9.87
C7 ZIT C . 2.57 -2.40 -9.78
C8 ZIT C . 3.02 -3.16 -11.03
C9 ZIT C . 1.82 -3.64 -11.81
N10 ZIT C . 1.15 -2.54 -12.51
C11 ZIT C . -0.34 -2.75 -12.62
C12 ZIT C . -1.08 -1.44 -12.52
C13 ZIT C . -2.60 -1.43 -12.28
C14 ZIT C . -3.09 -0.04 -11.88
C15 ZIT C . -4.60 0.05 -11.64
C16 ZIT C . -5.07 1.49 -11.46
C17 ZIT C . -1.69 3.04 -8.91
C18 ZIT C . 0.22 -0.11 -7.06
C19 ZIT C . 4.17 -0.46 -10.11
C20 ZIT C . 3.92 -4.31 -10.61
C21 ZIT C . 1.89 -2.11 -13.76
C22 ZIT C . -0.73 -3.60 -13.85
C23 ZIT C . -2.87 -2.45 -11.18
O1 ZIT C . -0.98 1.72 -11.58
O6 ZIT C . 1.92 -0.38 -10.96
O12 ZIT C . -0.78 -0.59 -13.65
O13 ZIT C . -3.27 -1.88 -13.46
O14 ZIT C . -2.50 0.37 -10.63
C1A ZIT C . 3.47 -0.41 -6.47
C2A ZIT C . 3.46 -1.37 -5.31
C3A ZIT C . 4.48 -0.94 -4.27
C4A ZIT C . 5.87 -0.84 -4.92
C5A ZIT C . 5.74 0.19 -6.02
C6A ZIT C . 7.06 0.39 -6.76
C7A ZIT C . 5.30 -1.43 -2.02
C8A ZIT C . 4.67 -3.27 -3.46
O1A ZIT C . 2.67 -0.97 -7.47
O2A ZIT C . 2.15 -1.40 -4.73
N3A ZIT C . 4.41 -1.86 -3.12
O5A ZIT C . 4.79 -0.24 -6.97
C1B ZIT C . 1.35 3.67 -8.47
C2B ZIT C . 1.20 4.72 -7.39
C3B ZIT C . 2.03 4.67 -6.12
C4B ZIT C . 3.46 4.60 -6.57
C5B ZIT C . 3.68 3.59 -7.68
C6B ZIT C . 5.12 3.24 -8.01
C7B ZIT C . 1.79 5.91 -5.25
C8B ZIT C . 0.48 3.23 -4.82
O1B ZIT C . 0.84 2.45 -7.97
O3B ZIT C . 1.77 3.46 -5.41
O4B ZIT C . 4.35 4.33 -5.49
O5B ZIT C . 2.74 3.56 -8.71
H2 ZIT C . -1.64 0.95 -8.58
H3 ZIT C . 0.93 1.71 -9.89
H4 ZIT C . 0.22 -0.50 -9.11
H5 ZIT C . 1.62 -1.21 -8.65
H71 ZIT C . 3.17 -2.76 -8.92
H72 ZIT C . 1.51 -2.64 -9.59
H8 ZIT C . 3.61 -2.48 -11.69
H91 ZIT C . 2.14 -4.37 -12.50
H92 ZIT C . 1.09 -4.13 -11.09
H11 ZIT C . -0.64 -3.35 -11.75
H12 ZIT C . -0.66 -0.94 -11.66
H14 ZIT C . -2.81 0.67 -12.65
H151 ZIT C . -4.85 -0.52 -10.74
H152 ZIT C . -5.14 -0.39 -12.48
H161 ZIT C . -5.21 1.69 -10.40
H162 ZIT C . -4.35 2.19 -11.87
H163 ZIT C . -6.03 1.63 -11.98
H171 ZIT C . -1.55 3.25 -7.85
H172 ZIT C . -1.18 3.78 -9.51
H173 ZIT C . -2.75 3.04 -9.15
H181 ZIT C . 0.01 -1.17 -7.21
H182 ZIT C . 0.90 0.56 -6.53
H183 ZIT C . -0.63 0.08 -6.41
H191 ZIT C . 4.28 0.59 -9.88
H192 ZIT C . 4.42 -0.64 -11.16
H193 ZIT C . 4.83 -1.05 -9.46
H201 ZIT C . 4.13 -4.95 -11.48
H202 ZIT C . 3.42 -4.91 -9.84
H203 ZIT C . 4.86 -3.92 -10.22
H211 ZIT C . 1.55 -1.11 -14.04
H212 ZIT C . 1.69 -2.80 -14.58
H213 ZIT C . 2.95 -2.09 -13.55
H221 ZIT C . -1.75 -3.94 -13.75
H222 ZIT C . -0.63 -2.99 -14.74
H223 ZIT C . -0.05 -4.45 -13.92
H231 ZIT C . -3.83 -2.23 -10.70
H232 ZIT C . -2.89 -3.46 -11.59
H233 ZIT C . -2.07 -2.39 -10.42
HO6 ZIT C . 2.48 0.13 -11.56
HO12 ZIT C . -1.33 -0.86 -14.41
HO13 ZIT C . -3.90 -2.57 -13.24
H1A1 ZIT C . 3.08 0.57 -6.16
H2A1 ZIT C . 3.71 -2.36 -5.66
H3A1 ZIT C . 4.20 0.05 -3.90
H4A1 ZIT C . 6.16 -1.80 -5.35
H4A2 ZIT C . 6.61 -0.50 -4.20
H5A1 ZIT C . 5.43 1.15 -5.60
H6A1 ZIT C . 7.74 0.98 -6.16
H6A2 ZIT C . 7.51 -0.59 -6.95
H6A3 ZIT C . 6.88 0.89 -7.70
HO2A ZIT C . 2.07 -2.18 -4.17
H1B1 ZIT C . 0.81 3.96 -9.36
H2B1 ZIT C . 0.15 4.70 -7.09
H2B2 ZIT C . 1.40 5.68 -7.87
H4B1 ZIT C . 3.73 5.59 -6.96
H5B1 ZIT C . 3.97 4.53 -8.22
H6B1 ZIT C . 5.59 4.07 -8.53
H6B2 ZIT C . 5.67 3.04 -7.08
H6B3 ZIT C . 5.15 2.36 -8.64
H7B1 ZIT C . 2.19 6.79 -5.74
H7B2 ZIT C . 0.72 6.03 -5.09
H7B3 ZIT C . 2.29 5.77 -4.29
HO4B ZIT C . 4.89 5.12 -5.31
C1 IPA D . 5.99 13.09 13.77
C1 IPA D . 6.89 14.49 15.86
C2 IPA D . 6.50 14.42 14.33
C2 IPA D . 6.25 14.22 14.52
C3 IPA D . 5.63 14.88 15.47
C3 IPA D . 6.72 12.87 13.98
O2 IPA D . 6.47 15.36 13.27
O2 IPA D . 6.61 15.23 13.61
H11 IPA D . 5.75 13.22 12.71
H11 IPA D . 7.49 15.41 15.79
H12 IPA D . 5.11 12.79 14.32
H12 IPA D . 7.55 13.66 16.12
H13 IPA D . 6.77 12.34 13.86
H13 IPA D . 6.13 14.61 16.62
H2 IPA D . 7.53 14.30 14.66
H2 IPA D . 5.16 14.20 14.63
H31 IPA D . 5.17 15.85 15.22
H31 IPA D . 7.23 13.01 13.03
H32 IPA D . 6.23 15.00 16.37
H32 IPA D . 5.86 12.22 13.84
H33 IPA D . 4.84 14.15 15.65
H33 IPA D . 7.40 12.42 14.70
HO2 IPA D . 5.58 15.35 12.86
HO2 IPA D . 5.80 15.63 13.22
#